data_5NZL
#
_entry.id   5NZL
#
_cell.length_a   72.516
_cell.length_b   108.455
_cell.length_c   153.073
_cell.angle_alpha   90.00
_cell.angle_beta   90.00
_cell.angle_gamma   90.00
#
_symmetry.space_group_name_H-M   'C 2 2 21'
#
loop_
_entity.id
_entity.type
_entity.pdbx_description
1 polymer 'UDP-glucose pyrophosphorylase'
2 non-polymer RESVERATROL
3 non-polymer 1,2-ETHANEDIOL
4 water water
#
_entity_poly.entity_id   1
_entity_poly.type   'polypeptide(L)'
_entity_poly.pdbx_seq_one_letter_code
;MENDMKSLSAAAQACVKKMRDAKVNEACIRTFIAQHVMVSKGETGSIPDSAIMPVDSLDALDSLTIECDNAVLQSTVVLK
LNGGLGTGMGLCDAKTLLEVKDGKTFLDFTALQVQYLRQHCSEHLRFMLMDSFNTSASTKSFLKARYPWLYQVFDSEVEL
MQNQVPKILQDTLEPAAWAENPAYEWAPPGHGDIYTALYGSGKLQELVEQGYRYMFVSNGDNLGATIDKRVLAYMEKEKI
DFLMEVCRRTESDKKGGHLARQTVYVKGKDGQPDAEKRVLLLRESAQCPKADMESFQDINKYSFFNTNNLWIRLPVLLET
MQEHGGTLPLPVIRNEKTVDSSNSASPKVYQLETAMGAAIAMFESASAIVVPRSRFAPVKTCADLLALRSDAYVVTDDFR
LVLDDRCHGHPPVVDLDSAHYKMMNGFEKLVQHGVPSLVECKRVTVKGLVQFGAGNVLTGTVTIENTDSASAFVIPDGAK
LNDTTASPQQSTNKMRPLEHHHHHH
;
_entity_poly.pdbx_strand_id   A
#
loop_
_chem_comp.id
_chem_comp.type
_chem_comp.name
_chem_comp.formula
EDO non-polymer 1,2-ETHANEDIOL 'C2 H6 O2'
STL non-polymer RESVERATROL 'C14 H12 O3'
#
# COMPACT_ATOMS: atom_id res chain seq x y z
N LYS A 6 -33.84 -8.96 -15.07
CA LYS A 6 -32.48 -8.79 -14.58
C LYS A 6 -32.25 -9.53 -13.27
N SER A 7 -33.31 -9.64 -12.46
CA SER A 7 -33.29 -10.09 -11.08
C SER A 7 -32.51 -9.14 -10.19
N LEU A 8 -31.81 -8.17 -10.79
CA LEU A 8 -31.22 -7.08 -10.03
C LEU A 8 -32.31 -6.22 -9.42
N SER A 9 -32.07 -5.74 -8.21
CA SER A 9 -33.01 -4.82 -7.60
C SER A 9 -33.01 -3.49 -8.34
N ALA A 10 -33.99 -2.64 -8.01
CA ALA A 10 -34.03 -1.31 -8.60
C ALA A 10 -32.81 -0.51 -8.21
N ALA A 11 -32.32 -0.68 -6.97
CA ALA A 11 -31.11 0.00 -6.54
C ALA A 11 -29.91 -0.45 -7.37
N ALA A 12 -29.77 -1.75 -7.60
CA ALA A 12 -28.66 -2.25 -8.38
C ALA A 12 -28.76 -1.80 -9.83
N GLN A 13 -29.96 -1.77 -10.39
CA GLN A 13 -30.13 -1.30 -11.77
C GLN A 13 -29.78 0.17 -11.90
N ALA A 14 -30.14 0.98 -10.90
CA ALA A 14 -29.76 2.38 -10.92
C ALA A 14 -28.25 2.55 -10.90
N CYS A 15 -27.55 1.70 -10.13
CA CYS A 15 -26.10 1.72 -10.14
C CYS A 15 -25.56 1.37 -11.52
N VAL A 16 -26.12 0.34 -12.15
CA VAL A 16 -25.71 -0.03 -13.51
C VAL A 16 -25.96 1.13 -14.46
N LYS A 17 -27.14 1.74 -14.37
CA LYS A 17 -27.49 2.85 -15.26
C LYS A 17 -26.53 4.02 -15.08
N LYS A 18 -26.19 4.35 -13.84
CA LYS A 18 -25.30 5.48 -13.58
C LYS A 18 -23.90 5.19 -14.12
N MET A 19 -23.38 3.99 -13.86
CA MET A 19 -22.05 3.65 -14.35
C MET A 19 -22.04 3.50 -15.87
N ARG A 20 -23.13 3.01 -16.45
CA ARG A 20 -23.25 2.97 -17.90
C ARG A 20 -23.20 4.37 -18.50
N ASP A 21 -24.01 5.29 -17.94
CA ASP A 21 -24.04 6.66 -18.44
C ASP A 21 -22.66 7.32 -18.35
N ALA A 22 -21.86 6.94 -17.36
CA ALA A 22 -20.54 7.54 -17.15
C ALA A 22 -19.43 6.82 -17.90
N LYS A 23 -19.76 5.83 -18.73
CA LYS A 23 -18.79 5.10 -19.54
C LYS A 23 -17.80 4.31 -18.69
N VAL A 24 -18.28 3.75 -17.58
CA VAL A 24 -17.46 2.87 -16.75
C VAL A 24 -17.34 1.51 -17.43
N ASN A 25 -16.11 0.99 -17.52
CA ASN A 25 -15.88 -0.26 -18.22
C ASN A 25 -16.66 -1.40 -17.57
N GLU A 26 -16.99 -2.41 -18.38
CA GLU A 26 -17.96 -3.42 -17.97
C GLU A 26 -17.41 -4.34 -16.89
N ALA A 27 -16.09 -4.61 -16.89
CA ALA A 27 -15.53 -5.47 -15.85
C ALA A 27 -15.65 -4.84 -14.47
N CYS A 28 -15.67 -3.52 -14.40
CA CYS A 28 -15.87 -2.84 -13.12
C CYS A 28 -17.33 -2.93 -12.67
N ILE A 29 -18.26 -2.67 -13.60
CA ILE A 29 -19.68 -2.78 -13.28
C ILE A 29 -20.01 -4.20 -12.85
N ARG A 30 -19.51 -5.18 -13.60
CA ARG A 30 -19.71 -6.60 -13.28
C ARG A 30 -19.28 -6.90 -11.85
N THR A 31 -18.07 -6.48 -11.48
CA THR A 31 -17.55 -6.78 -10.15
C THR A 31 -18.31 -6.03 -9.07
N PHE A 32 -18.62 -4.75 -9.32
CA PHE A 32 -19.30 -3.95 -8.31
C PHE A 32 -20.70 -4.47 -8.03
N ILE A 33 -21.44 -4.87 -9.07
CA ILE A 33 -22.79 -5.37 -8.87
C ILE A 33 -22.79 -6.65 -8.05
N ALA A 34 -21.79 -7.52 -8.28
CA ALA A 34 -21.65 -8.71 -7.45
C ALA A 34 -21.45 -8.35 -5.99
N GLN A 35 -20.70 -7.28 -5.72
CA GLN A 35 -20.54 -6.81 -4.36
C GLN A 35 -21.84 -6.21 -3.82
N HIS A 36 -22.57 -5.47 -4.67
CA HIS A 36 -23.85 -4.90 -4.26
C HIS A 36 -24.82 -5.98 -3.81
N VAL A 37 -24.87 -7.10 -4.54
CA VAL A 37 -25.76 -8.20 -4.19
C VAL A 37 -25.35 -8.78 -2.84
N MET A 38 -24.05 -9.00 -2.64
CA MET A 38 -23.55 -9.47 -1.35
C MET A 38 -24.03 -8.56 -0.21
N VAL A 39 -23.87 -7.25 -0.40
CA VAL A 39 -24.29 -6.30 0.63
C VAL A 39 -25.80 -6.36 0.82
N SER A 40 -26.56 -6.40 -0.27
CA SER A 40 -28.02 -6.38 -0.17
C SER A 40 -28.57 -7.65 0.47
N LYS A 41 -27.86 -8.77 0.32
CA LYS A 41 -28.29 -10.01 0.96
C LYS A 41 -28.23 -9.94 2.48
N GLY A 42 -27.56 -8.94 3.04
CA GLY A 42 -27.34 -8.88 4.46
C GLY A 42 -26.05 -9.55 4.91
N GLU A 43 -25.04 -9.59 4.04
CA GLU A 43 -23.77 -10.23 4.37
C GLU A 43 -23.09 -9.49 5.51
N THR A 44 -22.76 -10.22 6.59
CA THR A 44 -22.06 -9.61 7.71
C THR A 44 -20.56 -9.54 7.47
N GLY A 45 -20.01 -10.47 6.70
CA GLY A 45 -18.57 -10.50 6.45
C GLY A 45 -17.75 -10.79 7.68
N SER A 46 -18.35 -11.32 8.73
CA SER A 46 -17.65 -11.60 9.97
C SER A 46 -16.74 -12.82 9.83
N ILE A 47 -15.60 -12.75 10.51
CA ILE A 47 -14.63 -13.85 10.50
C ILE A 47 -14.27 -14.19 11.95
N PRO A 48 -15.02 -15.05 12.61
CA PRO A 48 -14.71 -15.38 14.01
C PRO A 48 -13.44 -16.20 14.12
N ASP A 49 -12.94 -16.30 15.36
CA ASP A 49 -11.77 -17.14 15.62
C ASP A 49 -12.05 -18.60 15.35
N SER A 50 -13.31 -19.03 15.42
CA SER A 50 -13.64 -20.44 15.24
C SER A 50 -13.69 -20.85 13.77
N ALA A 51 -13.67 -19.91 12.84
CA ALA A 51 -13.59 -20.21 11.42
C ALA A 51 -12.17 -20.10 10.88
N ILE A 52 -11.18 -19.94 11.76
CA ILE A 52 -9.83 -19.58 11.37
C ILE A 52 -8.85 -20.29 12.30
N MET A 53 -7.60 -20.37 11.89
CA MET A 53 -6.57 -20.97 12.74
C MET A 53 -5.26 -20.25 12.51
N PRO A 54 -4.34 -20.30 13.47
CA PRO A 54 -3.04 -19.64 13.30
C PRO A 54 -2.23 -20.26 12.16
N VAL A 55 -1.31 -19.51 11.65
CA VAL A 55 -0.41 -19.93 10.62
C VAL A 55 0.73 -20.90 11.03
N ASP A 56 1.26 -20.60 12.20
CA ASP A 56 2.32 -21.23 12.94
C ASP A 56 3.74 -21.06 12.40
N SER A 57 4.01 -21.53 11.19
CA SER A 57 5.35 -21.47 10.68
C SER A 57 5.58 -21.12 9.23
N LEU A 58 6.51 -20.24 9.00
CA LEU A 58 6.72 -19.82 7.62
C LEU A 58 8.22 -19.78 7.33
N ASP A 59 8.55 -19.74 6.04
CA ASP A 59 9.93 -19.54 5.62
C ASP A 59 10.31 -18.06 5.79
N ALA A 60 11.62 -17.81 5.76
CA ALA A 60 12.16 -16.49 6.05
C ALA A 60 13.09 -16.06 4.94
N LEU A 61 12.93 -14.81 4.48
CA LEU A 61 13.78 -14.28 3.42
C LEU A 61 15.24 -14.24 3.85
N ASP A 62 15.49 -13.96 5.14
CA ASP A 62 16.86 -13.95 5.63
C ASP A 62 17.54 -15.30 5.44
N SER A 63 16.77 -16.39 5.51
CA SER A 63 17.34 -17.73 5.38
C SER A 63 17.51 -18.18 3.93
N LEU A 64 17.02 -17.41 2.97
CA LEU A 64 17.16 -17.75 1.56
C LEU A 64 18.46 -17.16 1.00
N THR A 65 19.02 -17.85 0.01
CA THR A 65 20.29 -17.44 -0.58
C THR A 65 20.28 -17.42 -2.10
N ILE A 66 19.60 -18.38 -2.74
CA ILE A 66 19.71 -18.55 -4.18
C ILE A 66 18.97 -17.44 -4.90
N GLU A 67 19.65 -16.82 -5.86
CA GLU A 67 19.05 -15.80 -6.71
C GLU A 67 18.58 -16.44 -8.02
N CYS A 68 17.56 -15.83 -8.63
CA CYS A 68 17.13 -16.26 -9.95
C CYS A 68 18.05 -15.67 -11.01
N ASP A 69 18.08 -16.32 -12.17
CA ASP A 69 18.86 -15.76 -13.26
C ASP A 69 18.05 -14.65 -13.95
N ASN A 70 18.76 -13.88 -14.79
CA ASN A 70 18.17 -12.66 -15.36
C ASN A 70 17.00 -12.94 -16.29
N ALA A 71 16.86 -14.16 -16.80
CA ALA A 71 15.76 -14.46 -17.71
C ALA A 71 14.41 -14.32 -17.02
N VAL A 72 14.35 -14.56 -15.70
CA VAL A 72 13.10 -14.41 -14.97
C VAL A 72 12.72 -12.93 -14.89
N LEU A 73 13.70 -12.06 -14.61
CA LEU A 73 13.44 -10.63 -14.55
C LEU A 73 12.96 -10.10 -15.89
N GLN A 74 13.44 -10.68 -16.99
CA GLN A 74 12.95 -10.30 -18.32
C GLN A 74 11.45 -10.53 -18.47
N SER A 75 10.87 -11.41 -17.65
CA SER A 75 9.45 -11.71 -17.70
C SER A 75 8.70 -11.19 -16.47
N THR A 76 9.23 -10.14 -15.84
CA THR A 76 8.68 -9.62 -14.59
C THR A 76 8.19 -8.19 -14.80
N VAL A 77 7.07 -7.86 -14.14
CA VAL A 77 6.51 -6.51 -14.17
C VAL A 77 6.54 -5.95 -12.76
N VAL A 78 7.10 -4.74 -12.62
CA VAL A 78 7.07 -4.00 -11.37
C VAL A 78 5.89 -3.03 -11.43
N LEU A 79 4.94 -3.18 -10.52
CA LEU A 79 3.76 -2.33 -10.47
C LEU A 79 3.66 -1.68 -9.09
N LYS A 80 3.59 -0.36 -9.08
CA LYS A 80 3.53 0.42 -7.85
C LYS A 80 2.16 1.07 -7.71
N LEU A 81 1.54 0.89 -6.55
CA LEU A 81 0.29 1.58 -6.24
C LEU A 81 0.57 3.08 -6.08
N ASN A 82 -0.13 3.91 -6.86
CA ASN A 82 0.21 5.32 -6.95
C ASN A 82 -1.04 6.20 -6.95
N GLY A 83 -2.13 5.74 -6.35
CA GLY A 83 -3.37 6.50 -6.37
C GLY A 83 -3.62 7.35 -5.14
N GLY A 84 -2.78 7.20 -4.12
CA GLY A 84 -3.01 7.88 -2.85
C GLY A 84 -2.34 9.25 -2.78
N LEU A 85 -3.02 10.17 -2.11
CA LEU A 85 -2.47 11.50 -1.84
C LEU A 85 -1.77 11.50 -0.49
N GLY A 86 -0.99 12.56 -0.25
CA GLY A 86 -0.31 12.71 1.02
C GLY A 86 -1.19 13.37 2.07
N THR A 87 -2.49 13.06 2.04
CA THR A 87 -3.44 13.72 2.92
C THR A 87 -3.07 13.52 4.38
N GLY A 88 -2.65 12.30 4.76
CA GLY A 88 -2.26 12.03 6.12
C GLY A 88 -1.07 12.84 6.62
N MET A 89 -0.41 13.59 5.74
CA MET A 89 0.73 14.43 6.11
C MET A 89 0.55 15.87 5.67
N GLY A 90 -0.68 16.30 5.40
CA GLY A 90 -0.87 17.66 4.94
C GLY A 90 -0.42 17.93 3.52
N LEU A 91 -0.67 16.99 2.62
CA LEU A 91 -0.23 17.10 1.24
C LEU A 91 -1.43 16.74 0.36
N CYS A 92 -1.94 17.72 -0.37
CA CYS A 92 -3.10 17.53 -1.22
C CYS A 92 -2.73 17.06 -2.63
N ASP A 93 -1.52 16.54 -2.82
CA ASP A 93 -1.10 15.98 -4.10
C ASP A 93 -0.52 14.59 -3.87
N ALA A 94 -0.01 13.98 -4.94
CA ALA A 94 0.40 12.58 -4.92
C ALA A 94 1.49 12.32 -3.89
N LYS A 95 1.33 11.23 -3.13
CA LYS A 95 2.27 10.92 -2.06
C LYS A 95 3.66 10.61 -2.59
N THR A 96 3.73 9.86 -3.70
CA THR A 96 5.03 9.45 -4.24
C THR A 96 5.86 10.61 -4.78
N LEU A 97 5.28 11.81 -4.88
CA LEU A 97 6.01 12.97 -5.36
C LEU A 97 6.60 13.80 -4.23
N LEU A 98 6.56 13.30 -3.01
CA LEU A 98 7.19 13.97 -1.87
C LEU A 98 8.69 13.67 -1.87
N GLU A 99 9.51 14.69 -1.68
CA GLU A 99 10.95 14.51 -1.66
C GLU A 99 11.37 13.70 -0.44
N VAL A 100 12.27 12.74 -0.65
CA VAL A 100 12.69 11.81 0.39
C VAL A 100 14.14 12.02 0.79
N LYS A 101 15.04 12.22 -0.17
CA LYS A 101 16.46 12.27 0.14
C LYS A 101 17.11 13.55 -0.34
N ASP A 102 17.68 13.53 -1.54
CA ASP A 102 18.43 14.66 -2.09
C ASP A 102 17.72 15.13 -3.35
N GLY A 103 16.52 15.67 -3.19
CA GLY A 103 15.73 16.04 -4.35
C GLY A 103 15.08 14.89 -5.05
N LYS A 104 15.22 13.67 -4.54
CA LYS A 104 14.61 12.49 -5.12
C LYS A 104 13.36 12.11 -4.34
N THR A 105 12.29 11.79 -5.07
CA THR A 105 11.03 11.40 -4.47
C THR A 105 10.95 9.87 -4.36
N PHE A 106 9.82 9.38 -3.85
CA PHE A 106 9.54 7.95 -3.93
C PHE A 106 9.59 7.48 -5.37
N LEU A 107 9.02 8.28 -6.28
CA LEU A 107 8.95 7.89 -7.68
C LEU A 107 10.33 7.88 -8.33
N ASP A 108 11.23 8.76 -7.89
CA ASP A 108 12.59 8.78 -8.43
C ASP A 108 13.30 7.46 -8.13
N PHE A 109 13.32 7.05 -6.85
CA PHE A 109 14.02 5.84 -6.47
C PHE A 109 13.49 4.61 -7.20
N THR A 110 12.16 4.50 -7.31
CA THR A 110 11.58 3.37 -8.05
C THR A 110 12.02 3.38 -9.50
N ALA A 111 11.98 4.54 -10.16
CA ALA A 111 12.38 4.63 -11.56
C ALA A 111 13.87 4.41 -11.74
N LEU A 112 14.68 4.86 -10.77
CA LEU A 112 16.12 4.63 -10.86
C LEU A 112 16.48 3.18 -10.56
N GLN A 113 15.73 2.53 -9.67
CA GLN A 113 15.92 1.10 -9.45
C GLN A 113 15.53 0.30 -10.68
N VAL A 114 14.40 0.64 -11.30
CA VAL A 114 14.00 -0.01 -12.54
C VAL A 114 15.02 0.25 -13.63
N GLN A 115 15.60 1.45 -13.67
CA GLN A 115 16.61 1.77 -14.67
C GLN A 115 17.89 0.96 -14.44
N TYR A 116 18.31 0.84 -13.18
CA TYR A 116 19.50 0.05 -12.87
C TYR A 116 19.33 -1.40 -13.31
N LEU A 117 18.15 -1.97 -13.06
CA LEU A 117 17.91 -3.36 -13.43
C LEU A 117 17.87 -3.54 -14.95
N ARG A 118 17.25 -2.61 -15.66
CA ARG A 118 17.19 -2.72 -17.12
C ARG A 118 18.56 -2.57 -17.75
N GLN A 119 19.48 -1.86 -17.09
CA GLN A 119 20.82 -1.67 -17.65
C GLN A 119 21.73 -2.85 -17.36
N HIS A 120 21.60 -3.45 -16.17
CA HIS A 120 22.55 -4.45 -15.70
C HIS A 120 21.99 -5.86 -15.63
N CYS A 121 20.68 -6.05 -15.78
CA CYS A 121 20.11 -7.37 -15.59
C CYS A 121 19.15 -7.77 -16.70
N SER A 122 18.14 -6.95 -16.98
CA SER A 122 17.06 -7.35 -17.88
C SER A 122 16.44 -6.11 -18.49
N GLU A 123 16.74 -5.88 -19.77
CA GLU A 123 16.21 -4.70 -20.47
C GLU A 123 14.70 -4.76 -20.67
N HIS A 124 14.10 -5.95 -20.61
CA HIS A 124 12.68 -6.11 -20.87
C HIS A 124 11.83 -6.07 -19.60
N LEU A 125 12.44 -5.79 -18.45
CA LEU A 125 11.67 -5.62 -17.22
C LEU A 125 10.72 -4.44 -17.37
N ARG A 126 9.47 -4.64 -16.96
CA ARG A 126 8.42 -3.65 -17.15
C ARG A 126 8.09 -2.92 -15.86
N PHE A 127 7.69 -1.65 -16.01
CA PHE A 127 7.36 -0.79 -14.88
C PHE A 127 5.98 -0.20 -15.14
N MET A 128 5.07 -0.37 -14.19
CA MET A 128 3.71 0.14 -14.31
C MET A 128 3.34 0.93 -13.07
N LEU A 129 2.38 1.83 -13.25
CA LEU A 129 1.90 2.74 -12.20
C LEU A 129 0.38 2.68 -12.18
N MET A 130 -0.19 2.32 -11.04
CA MET A 130 -1.64 2.40 -10.86
C MET A 130 -1.97 3.77 -10.30
N ASP A 131 -2.57 4.62 -11.13
CA ASP A 131 -2.90 5.98 -10.74
C ASP A 131 -4.41 6.12 -10.54
N SER A 132 -4.78 7.16 -9.81
CA SER A 132 -6.15 7.61 -9.71
C SER A 132 -6.31 8.89 -10.52
N PHE A 133 -7.55 9.38 -10.60
CA PHE A 133 -7.78 10.66 -11.27
C PHE A 133 -7.05 11.79 -10.55
N ASN A 134 -6.79 11.62 -9.25
CA ASN A 134 -6.10 12.66 -8.48
C ASN A 134 -4.60 12.71 -8.77
N THR A 135 -3.98 11.57 -9.07
CA THR A 135 -2.53 11.50 -9.19
C THR A 135 -2.04 11.37 -10.63
N SER A 136 -2.94 11.24 -11.61
CA SER A 136 -2.52 10.94 -12.97
C SER A 136 -1.71 12.09 -13.58
N ALA A 137 -2.31 13.28 -13.64
CA ALA A 137 -1.66 14.39 -14.33
C ALA A 137 -0.33 14.77 -13.67
N SER A 138 -0.29 14.80 -12.33
CA SER A 138 0.94 15.14 -11.64
C SER A 138 2.03 14.13 -11.92
N THR A 139 1.68 12.84 -11.98
CA THR A 139 2.68 11.81 -12.26
C THR A 139 3.20 11.91 -13.68
N LYS A 140 2.28 12.07 -14.66
CA LYS A 140 2.68 12.21 -16.04
C LYS A 140 3.57 13.43 -16.24
N SER A 141 3.21 14.55 -15.62
CA SER A 141 4.04 15.75 -15.71
C SER A 141 5.41 15.54 -15.09
N PHE A 142 5.46 14.80 -13.98
CA PHE A 142 6.73 14.56 -13.30
C PHE A 142 7.65 13.70 -14.16
N LEU A 143 7.11 12.63 -14.75
CA LEU A 143 7.92 11.76 -15.60
C LEU A 143 8.37 12.48 -16.86
N LYS A 144 7.52 13.36 -17.40
CA LYS A 144 7.87 14.10 -18.61
C LYS A 144 9.14 14.93 -18.42
N ALA A 145 9.38 15.39 -17.20
CA ALA A 145 10.53 16.24 -16.92
C ALA A 145 11.77 15.46 -16.53
N ARG A 146 11.62 14.32 -15.85
CA ARG A 146 12.76 13.61 -15.29
C ARG A 146 13.06 12.27 -15.96
N TYR A 147 12.05 11.59 -16.51
CA TYR A 147 12.24 10.28 -17.13
C TYR A 147 11.46 10.24 -18.43
N PRO A 148 12.04 10.81 -19.50
CA PRO A 148 11.30 10.88 -20.78
C PRO A 148 10.99 9.52 -21.37
N TRP A 149 11.92 8.55 -21.22
CA TRP A 149 11.68 7.20 -21.72
C TRP A 149 10.43 6.59 -21.12
N LEU A 150 10.12 6.91 -19.87
CA LEU A 150 8.86 6.46 -19.27
C LEU A 150 7.68 7.29 -19.77
N TYR A 151 7.90 8.57 -20.05
CA TYR A 151 6.81 9.42 -20.53
C TYR A 151 6.37 9.00 -21.93
N GLN A 152 7.32 8.61 -22.78
CA GLN A 152 7.00 8.25 -24.16
C GLN A 152 5.95 7.15 -24.22
N VAL A 153 5.97 6.23 -23.25
CA VAL A 153 5.06 5.09 -23.24
C VAL A 153 4.11 5.15 -22.04
N PHE A 154 3.90 6.34 -21.48
CA PHE A 154 3.07 6.47 -20.28
C PHE A 154 1.63 6.05 -20.56
N ASP A 155 1.01 6.64 -21.59
CA ASP A 155 -0.38 6.34 -21.88
C ASP A 155 -0.57 4.90 -22.33
N SER A 156 0.40 4.36 -23.07
CA SER A 156 0.22 3.07 -23.72
C SER A 156 0.62 1.89 -22.86
N GLU A 157 1.67 2.03 -22.04
CA GLU A 157 2.24 0.88 -21.33
C GLU A 157 2.29 1.05 -19.83
N VAL A 158 2.62 2.24 -19.33
CA VAL A 158 2.98 2.41 -17.92
C VAL A 158 1.75 2.55 -17.04
N GLU A 159 0.79 3.40 -17.43
CA GLU A 159 -0.27 3.79 -16.50
C GLU A 159 -1.40 2.77 -16.47
N LEU A 160 -1.84 2.42 -15.26
CA LEU A 160 -3.07 1.68 -15.02
C LEU A 160 -3.99 2.56 -14.21
N MET A 161 -5.17 2.86 -14.76
CA MET A 161 -6.10 3.77 -14.10
C MET A 161 -6.98 3.00 -13.12
N GLN A 162 -7.12 3.55 -11.91
CA GLN A 162 -8.00 2.96 -10.91
C GLN A 162 -9.44 3.32 -11.22
N ASN A 163 -10.34 2.36 -11.00
CA ASN A 163 -11.76 2.60 -11.22
C ASN A 163 -12.33 3.50 -10.13
N GLN A 164 -13.51 4.02 -10.39
CA GLN A 164 -14.34 4.67 -9.38
C GLN A 164 -15.73 4.07 -9.43
N VAL A 165 -16.31 3.83 -8.26
CA VAL A 165 -17.61 3.19 -8.17
C VAL A 165 -18.53 4.09 -7.35
N PRO A 166 -19.85 3.95 -7.54
CA PRO A 166 -20.78 4.86 -6.85
C PRO A 166 -20.88 4.55 -5.37
N LYS A 167 -20.85 5.60 -4.56
CA LYS A 167 -21.28 5.47 -3.18
C LYS A 167 -22.79 5.23 -3.14
N ILE A 168 -23.22 4.36 -2.22
CA ILE A 168 -24.62 3.97 -2.18
C ILE A 168 -25.20 4.27 -0.80
N LEU A 169 -26.48 4.63 -0.78
CA LEU A 169 -27.14 5.04 0.45
C LEU A 169 -27.25 3.86 1.42
N GLN A 170 -27.18 4.17 2.71
CA GLN A 170 -27.18 3.10 3.72
C GLN A 170 -28.54 2.44 3.85
N ASP A 171 -29.64 3.17 3.62
CA ASP A 171 -30.96 2.62 3.83
C ASP A 171 -31.47 1.85 2.61
N THR A 172 -31.37 2.44 1.41
CA THR A 172 -31.98 1.87 0.22
C THR A 172 -30.97 1.30 -0.78
N LEU A 173 -29.68 1.58 -0.59
CA LEU A 173 -28.59 1.07 -1.45
C LEU A 173 -28.64 1.62 -2.87
N GLU A 174 -29.34 2.74 -3.08
CA GLU A 174 -29.32 3.41 -4.36
C GLU A 174 -28.03 4.21 -4.53
N PRO A 175 -27.65 4.56 -5.75
CA PRO A 175 -26.51 5.46 -5.95
C PRO A 175 -26.79 6.82 -5.32
N ALA A 176 -25.98 7.18 -4.33
CA ALA A 176 -26.17 8.43 -3.61
C ALA A 176 -26.02 9.63 -4.55
N ALA A 177 -26.67 10.73 -4.19
CA ALA A 177 -26.66 11.95 -4.99
C ALA A 177 -26.19 13.12 -4.13
N TRP A 178 -25.37 13.98 -4.72
CA TRP A 178 -24.86 15.16 -4.02
C TRP A 178 -24.71 16.27 -5.06
N ALA A 179 -25.75 17.10 -5.20
CA ALA A 179 -25.75 18.15 -6.19
C ALA A 179 -24.68 19.20 -5.93
N GLU A 180 -24.31 19.39 -4.65
CA GLU A 180 -23.31 20.39 -4.31
C GLU A 180 -21.96 20.08 -4.95
N ASN A 181 -21.62 18.80 -5.06
CA ASN A 181 -20.38 18.37 -5.70
C ASN A 181 -20.59 16.96 -6.22
N PRO A 182 -20.93 16.82 -7.50
CA PRO A 182 -21.20 15.47 -8.04
C PRO A 182 -20.01 14.53 -7.98
N ALA A 183 -18.79 15.05 -7.90
CA ALA A 183 -17.62 14.18 -7.80
C ALA A 183 -17.64 13.37 -6.51
N TYR A 184 -18.24 13.92 -5.45
CA TYR A 184 -18.35 13.20 -4.19
C TYR A 184 -19.27 11.99 -4.27
N GLU A 185 -19.98 11.81 -5.39
CA GLU A 185 -20.81 10.62 -5.57
C GLU A 185 -19.99 9.38 -5.87
N TRP A 186 -18.75 9.55 -6.31
CA TRP A 186 -17.88 8.44 -6.68
C TRP A 186 -16.73 8.31 -5.69
N ALA A 187 -16.21 7.09 -5.57
CA ALA A 187 -15.13 6.80 -4.64
C ALA A 187 -14.30 5.65 -5.18
N PRO A 188 -13.00 5.62 -4.89
CA PRO A 188 -12.18 4.49 -5.34
C PRO A 188 -12.52 3.24 -4.55
N PRO A 189 -12.35 2.06 -5.15
CA PRO A 189 -12.79 0.82 -4.48
C PRO A 189 -11.67 0.12 -3.71
N GLY A 190 -10.64 0.86 -3.32
CA GLY A 190 -9.50 0.28 -2.65
C GLY A 190 -8.50 -0.32 -3.62
N HIS A 191 -7.34 -0.68 -3.09
CA HIS A 191 -6.31 -1.25 -3.96
C HIS A 191 -6.60 -2.67 -4.39
N GLY A 192 -7.67 -3.29 -3.89
CA GLY A 192 -8.13 -4.55 -4.45
C GLY A 192 -8.62 -4.41 -5.88
N ASP A 193 -8.87 -3.19 -6.33
CA ASP A 193 -9.31 -2.91 -7.69
C ASP A 193 -8.24 -3.22 -8.74
N ILE A 194 -7.00 -3.48 -8.32
CA ILE A 194 -5.91 -3.73 -9.27
C ILE A 194 -6.26 -4.88 -10.20
N TYR A 195 -6.85 -5.95 -9.66
CA TYR A 195 -7.19 -7.10 -10.48
C TYR A 195 -8.30 -6.77 -11.47
N THR A 196 -9.29 -5.99 -11.03
CA THR A 196 -10.37 -5.58 -11.93
C THR A 196 -9.85 -4.65 -13.03
N ALA A 197 -8.96 -3.73 -12.67
CA ALA A 197 -8.42 -2.80 -13.65
C ALA A 197 -7.51 -3.50 -14.64
N LEU A 198 -6.67 -4.43 -14.15
CA LEU A 198 -5.77 -5.16 -15.05
C LEU A 198 -6.56 -6.00 -16.06
N TYR A 199 -7.61 -6.67 -15.60
CA TYR A 199 -8.43 -7.48 -16.50
C TYR A 199 -9.27 -6.62 -17.41
N GLY A 200 -10.05 -5.69 -16.83
CA GLY A 200 -11.00 -4.92 -17.61
C GLY A 200 -10.34 -4.06 -18.68
N SER A 201 -9.15 -3.53 -18.38
CA SER A 201 -8.42 -2.74 -19.36
C SER A 201 -7.74 -3.60 -20.42
N GLY A 202 -7.84 -4.92 -20.32
CA GLY A 202 -7.17 -5.81 -21.26
C GLY A 202 -5.67 -5.90 -21.07
N LYS A 203 -5.09 -5.20 -20.10
CA LYS A 203 -3.64 -5.19 -19.94
C LYS A 203 -3.13 -6.52 -19.40
N LEU A 204 -3.91 -7.21 -18.56
CA LEU A 204 -3.49 -8.50 -18.04
C LEU A 204 -3.31 -9.50 -19.17
N GLN A 205 -4.26 -9.53 -20.11
CA GLN A 205 -4.14 -10.44 -21.26
C GLN A 205 -2.98 -10.02 -22.15
N GLU A 206 -2.74 -8.73 -22.31
CA GLU A 206 -1.60 -8.25 -23.09
C GLU A 206 -0.28 -8.67 -22.47
N LEU A 207 -0.19 -8.61 -21.13
CA LEU A 207 1.05 -8.99 -20.46
C LEU A 207 1.33 -10.49 -20.61
N VAL A 208 0.29 -11.32 -20.45
CA VAL A 208 0.49 -12.76 -20.52
C VAL A 208 0.88 -13.18 -21.93
N GLU A 209 0.17 -12.69 -22.95
CA GLU A 209 0.47 -13.08 -24.31
C GLU A 209 1.82 -12.54 -24.78
N GLN A 210 2.31 -11.45 -24.17
CA GLN A 210 3.66 -10.99 -24.43
C GLN A 210 4.72 -11.83 -23.73
N GLY A 211 4.31 -12.75 -22.86
CA GLY A 211 5.24 -13.65 -22.21
C GLY A 211 5.65 -13.27 -20.80
N TYR A 212 5.03 -12.25 -20.21
CA TYR A 212 5.35 -11.87 -18.85
C TYR A 212 4.68 -12.83 -17.87
N ARG A 213 5.44 -13.26 -16.87
CA ARG A 213 5.00 -14.31 -15.98
C ARG A 213 4.86 -13.89 -14.52
N TYR A 214 5.64 -12.92 -14.05
CA TYR A 214 5.57 -12.47 -12.67
C TYR A 214 5.27 -10.98 -12.61
N MET A 215 4.47 -10.59 -11.61
CA MET A 215 4.23 -9.20 -11.28
C MET A 215 4.49 -8.99 -9.80
N PHE A 216 5.30 -7.99 -9.49
CA PHE A 216 5.60 -7.60 -8.11
C PHE A 216 4.85 -6.30 -7.83
N VAL A 217 3.86 -6.37 -6.95
CA VAL A 217 3.02 -5.22 -6.59
C VAL A 217 3.42 -4.76 -5.20
N SER A 218 3.40 -3.45 -4.99
CA SER A 218 3.73 -2.89 -3.69
C SER A 218 3.25 -1.45 -3.62
N ASN A 219 3.20 -0.93 -2.38
CA ASN A 219 2.75 0.44 -2.16
C ASN A 219 3.82 1.40 -2.66
N GLY A 220 3.38 2.43 -3.41
CA GLY A 220 4.32 3.38 -3.98
C GLY A 220 5.12 4.13 -2.94
N ASP A 221 4.56 4.29 -1.73
CA ASP A 221 5.22 5.03 -0.66
C ASP A 221 5.97 4.11 0.30
N ASN A 222 6.30 2.89 -0.12
CA ASN A 222 7.09 1.95 0.66
C ASN A 222 8.47 1.87 0.02
N LEU A 223 9.46 2.52 0.65
CA LEU A 223 10.80 2.57 0.09
C LEU A 223 11.55 1.25 0.21
N GLY A 224 11.08 0.30 1.02
CA GLY A 224 11.74 -0.97 1.16
C GLY A 224 11.32 -2.05 0.19
N ALA A 225 10.26 -1.80 -0.59
CA ALA A 225 9.71 -2.80 -1.50
C ALA A 225 10.52 -2.79 -2.79
N THR A 226 11.67 -3.45 -2.75
CA THR A 226 12.57 -3.53 -3.88
C THR A 226 12.63 -4.96 -4.41
N ILE A 227 12.94 -5.08 -5.71
CA ILE A 227 13.10 -6.39 -6.33
C ILE A 227 14.19 -7.16 -5.62
N ASP A 228 13.87 -8.38 -5.18
CA ASP A 228 14.83 -9.29 -4.57
C ASP A 228 14.79 -10.59 -5.37
N LYS A 229 15.90 -10.88 -6.07
CA LYS A 229 15.96 -12.05 -6.95
C LYS A 229 15.73 -13.36 -6.21
N ARG A 230 15.99 -13.40 -4.90
CA ARG A 230 15.79 -14.64 -4.15
C ARG A 230 14.32 -15.00 -4.07
N VAL A 231 13.44 -13.99 -3.97
CA VAL A 231 12.01 -14.25 -3.89
C VAL A 231 11.53 -14.92 -5.16
N LEU A 232 12.06 -14.48 -6.31
CA LEU A 232 11.65 -15.08 -7.58
C LEU A 232 12.14 -16.53 -7.69
N ALA A 233 13.37 -16.80 -7.22
CA ALA A 233 13.86 -18.17 -7.22
C ALA A 233 13.02 -19.06 -6.31
N TYR A 234 12.62 -18.53 -5.16
CA TYR A 234 11.80 -19.28 -4.22
C TYR A 234 10.48 -19.71 -4.86
N MET A 235 9.87 -18.80 -5.64
CA MET A 235 8.60 -19.13 -6.28
C MET A 235 8.78 -20.10 -7.43
N GLU A 236 9.88 -19.95 -8.19
CA GLU A 236 10.16 -20.91 -9.26
C GLU A 236 10.41 -22.30 -8.71
N LYS A 237 11.14 -22.39 -7.60
CA LYS A 237 11.45 -23.70 -7.01
C LYS A 237 10.23 -24.33 -6.40
N GLU A 238 9.54 -23.62 -5.51
CA GLU A 238 8.41 -24.17 -4.76
C GLU A 238 7.09 -24.10 -5.53
N LYS A 239 7.10 -23.63 -6.77
CA LYS A 239 5.90 -23.57 -7.61
C LYS A 239 4.77 -22.79 -6.92
N ILE A 240 5.00 -21.49 -6.78
CA ILE A 240 4.09 -20.60 -6.08
C ILE A 240 3.44 -19.67 -7.09
N ASP A 241 2.11 -19.52 -7.00
CA ASP A 241 1.37 -18.61 -7.85
C ASP A 241 1.10 -17.27 -7.19
N PHE A 242 1.16 -17.20 -5.85
CA PHE A 242 0.86 -15.97 -5.13
C PHE A 242 1.67 -16.00 -3.84
N LEU A 243 2.65 -15.09 -3.73
CA LEU A 243 3.48 -15.00 -2.53
C LEU A 243 3.27 -13.65 -1.88
N MET A 244 3.01 -13.66 -0.57
CA MET A 244 2.81 -12.46 0.22
C MET A 244 3.96 -12.30 1.21
N GLU A 245 4.59 -11.13 1.18
CA GLU A 245 5.61 -10.79 2.16
C GLU A 245 4.94 -10.31 3.45
N VAL A 246 5.24 -10.98 4.56
CA VAL A 246 4.69 -10.59 5.86
C VAL A 246 5.82 -10.25 6.81
N CYS A 247 5.52 -9.41 7.79
CA CYS A 247 6.43 -9.08 8.87
C CYS A 247 5.80 -9.48 10.20
N ARG A 248 6.64 -9.60 11.23
CA ARG A 248 6.14 -9.97 12.54
C ARG A 248 5.46 -8.79 13.21
N ARG A 249 4.30 -9.05 13.80
CA ARG A 249 3.51 -8.00 14.43
C ARG A 249 4.11 -7.60 15.77
N THR A 250 4.25 -6.29 15.99
CA THR A 250 4.65 -5.75 17.27
C THR A 250 3.42 -5.27 18.02
N GLU A 251 3.63 -4.68 19.20
CA GLU A 251 2.52 -4.18 19.98
C GLU A 251 1.83 -2.99 19.31
N SER A 252 2.57 -2.20 18.52
CA SER A 252 1.95 -1.11 17.78
C SER A 252 1.18 -1.60 16.56
N ASP A 253 1.32 -2.87 16.20
CA ASP A 253 0.64 -3.45 15.05
C ASP A 253 -0.62 -4.21 15.44
N LYS A 254 -0.93 -4.31 16.73
CA LYS A 254 -2.00 -5.19 17.18
C LYS A 254 -3.37 -4.74 16.68
N LYS A 255 -3.53 -3.47 16.32
CA LYS A 255 -4.77 -3.01 15.72
C LYS A 255 -4.88 -3.33 14.24
N GLY A 256 -3.76 -3.69 13.60
CA GLY A 256 -3.77 -3.99 12.18
C GLY A 256 -4.14 -5.43 11.89
N GLY A 257 -4.31 -5.72 10.60
CA GLY A 257 -4.69 -7.05 10.18
C GLY A 257 -3.62 -8.08 10.47
N HIS A 258 -3.99 -9.34 10.30
CA HIS A 258 -3.05 -10.43 10.53
C HIS A 258 -3.33 -11.56 9.54
N LEU A 259 -2.28 -12.31 9.22
CA LEU A 259 -2.43 -13.50 8.41
C LEU A 259 -3.08 -14.61 9.22
N ALA A 260 -3.83 -15.48 8.52
CA ALA A 260 -4.49 -16.59 9.19
C ALA A 260 -4.65 -17.74 8.19
N ARG A 261 -5.00 -18.90 8.74
CA ARG A 261 -5.28 -20.09 7.96
C ARG A 261 -6.73 -20.49 8.15
N GLN A 262 -7.29 -21.19 7.17
CA GLN A 262 -8.60 -21.81 7.34
C GLN A 262 -8.75 -22.95 6.34
N THR A 263 -9.74 -23.81 6.61
CA THR A 263 -9.99 -25.01 5.82
C THR A 263 -11.33 -24.87 5.12
N VAL A 264 -11.37 -25.19 3.84
CA VAL A 264 -12.56 -25.02 3.03
C VAL A 264 -12.92 -26.32 2.35
N TYR A 265 -14.22 -26.55 2.20
CA TYR A 265 -14.77 -27.67 1.43
C TYR A 265 -15.50 -27.10 0.23
N VAL A 266 -15.01 -27.39 -0.97
CA VAL A 266 -15.53 -26.81 -2.20
C VAL A 266 -16.36 -27.86 -2.91
N LYS A 267 -17.66 -27.59 -3.05
CA LYS A 267 -18.54 -28.44 -3.84
C LYS A 267 -18.09 -28.45 -5.29
N GLY A 268 -17.85 -29.65 -5.82
CA GLY A 268 -17.34 -29.80 -7.17
C GLY A 268 -18.26 -29.29 -8.24
N LYS A 269 -17.77 -28.38 -9.07
CA LYS A 269 -18.53 -27.85 -10.19
C LYS A 269 -18.38 -28.76 -11.40
N ASP A 270 -19.45 -28.85 -12.19
CA ASP A 270 -19.54 -29.76 -13.34
C ASP A 270 -19.37 -31.19 -12.81
N GLY A 271 -18.63 -32.05 -13.50
CA GLY A 271 -18.54 -33.44 -13.10
C GLY A 271 -17.40 -33.81 -12.17
N GLN A 272 -16.54 -32.86 -11.82
CA GLN A 272 -15.36 -33.17 -11.01
C GLN A 272 -15.74 -33.30 -9.54
N PRO A 273 -14.93 -34.01 -8.74
CA PRO A 273 -15.31 -34.27 -7.34
C PRO A 273 -15.22 -33.05 -6.43
N ASP A 274 -15.63 -33.23 -5.18
CA ASP A 274 -15.55 -32.17 -4.17
C ASP A 274 -14.12 -32.07 -3.63
N ALA A 275 -13.79 -30.91 -3.08
CA ALA A 275 -12.42 -30.58 -2.71
C ALA A 275 -12.36 -29.98 -1.31
N GLU A 276 -11.49 -30.53 -0.48
CA GLU A 276 -11.15 -29.96 0.82
C GLU A 276 -9.70 -29.50 0.79
N LYS A 277 -9.44 -28.31 1.32
CA LYS A 277 -8.09 -27.76 1.27
C LYS A 277 -7.94 -26.61 2.26
N ARG A 278 -6.69 -26.39 2.67
CA ARG A 278 -6.31 -25.24 3.48
C ARG A 278 -5.99 -24.05 2.58
N VAL A 279 -6.35 -22.85 3.04
CA VAL A 279 -6.05 -21.63 2.32
C VAL A 279 -5.53 -20.59 3.31
N LEU A 280 -4.80 -19.63 2.78
CA LEU A 280 -4.37 -18.46 3.54
C LEU A 280 -5.38 -17.33 3.37
N LEU A 281 -5.39 -16.41 4.34
CA LEU A 281 -6.28 -15.27 4.26
C LEU A 281 -5.82 -14.22 5.25
N LEU A 282 -6.43 -13.03 5.14
CA LEU A 282 -6.20 -11.94 6.07
C LEU A 282 -7.48 -11.63 6.84
N ARG A 283 -7.32 -11.13 8.06
CA ARG A 283 -8.43 -10.65 8.86
C ARG A 283 -8.04 -9.30 9.44
N GLU A 284 -8.84 -8.27 9.14
CA GLU A 284 -8.68 -6.96 9.76
C GLU A 284 -9.76 -6.77 10.82
N SER A 285 -9.68 -5.64 11.52
CA SER A 285 -10.51 -5.44 12.71
C SER A 285 -12.00 -5.37 12.38
N ALA A 286 -12.34 -4.74 11.26
CA ALA A 286 -13.74 -4.61 10.88
C ALA A 286 -14.40 -5.95 10.62
N GLN A 287 -13.62 -6.98 10.31
CA GLN A 287 -14.15 -8.33 10.11
C GLN A 287 -14.16 -9.16 11.38
N CYS A 288 -13.37 -8.79 12.38
CA CYS A 288 -13.26 -9.61 13.58
C CYS A 288 -14.45 -9.36 14.50
N PRO A 289 -15.14 -10.41 14.95
CA PRO A 289 -16.24 -10.23 15.90
C PRO A 289 -15.76 -9.54 17.17
N LYS A 290 -16.68 -8.83 17.80
CA LYS A 290 -16.38 -8.06 19.00
C LYS A 290 -15.75 -8.94 20.08
N ALA A 291 -16.31 -10.13 20.30
CA ALA A 291 -15.84 -11.02 21.36
C ALA A 291 -14.45 -11.59 21.07
N ASP A 292 -14.04 -11.67 19.81
CA ASP A 292 -12.75 -12.21 19.45
C ASP A 292 -11.65 -11.16 19.39
N MET A 293 -11.96 -9.89 19.68
CA MET A 293 -10.97 -8.82 19.51
C MET A 293 -9.78 -9.01 20.43
N GLU A 294 -9.96 -9.65 21.59
CA GLU A 294 -8.82 -9.95 22.45
C GLU A 294 -7.84 -10.88 21.74
N SER A 295 -8.35 -11.90 21.06
CA SER A 295 -7.49 -12.82 20.31
C SER A 295 -6.91 -12.14 19.07
N PHE A 296 -7.66 -11.22 18.46
CA PHE A 296 -7.17 -10.49 17.30
C PHE A 296 -5.88 -9.74 17.60
N GLN A 297 -5.72 -9.28 18.85
CA GLN A 297 -4.58 -8.46 19.24
C GLN A 297 -3.48 -9.26 19.91
N ASP A 298 -3.64 -10.58 20.04
CA ASP A 298 -2.59 -11.44 20.59
C ASP A 298 -1.54 -11.66 19.50
N ILE A 299 -0.49 -10.85 19.53
CA ILE A 299 0.57 -10.95 18.54
C ILE A 299 1.39 -12.22 18.69
N ASN A 300 1.18 -12.99 19.76
CA ASN A 300 1.83 -14.29 19.89
C ASN A 300 1.00 -15.40 19.26
N LYS A 301 -0.32 -15.22 19.15
CA LYS A 301 -1.16 -16.18 18.45
C LYS A 301 -1.08 -15.97 16.94
N TYR A 302 -1.53 -14.80 16.46
CA TYR A 302 -1.39 -14.40 15.07
C TYR A 302 -0.26 -13.38 15.00
N SER A 303 0.87 -13.77 14.41
CA SER A 303 2.12 -13.04 14.56
C SER A 303 2.59 -12.35 13.28
N PHE A 304 1.79 -12.35 12.22
CA PHE A 304 2.24 -11.80 10.94
C PHE A 304 1.18 -10.87 10.36
N PHE A 305 1.65 -9.84 9.63
CA PHE A 305 0.76 -8.90 8.96
C PHE A 305 1.23 -8.68 7.53
N ASN A 306 0.27 -8.34 6.67
CA ASN A 306 0.55 -8.13 5.25
C ASN A 306 1.30 -6.82 5.04
N THR A 307 2.39 -6.89 4.26
CA THR A 307 3.15 -5.69 3.90
C THR A 307 2.68 -5.06 2.61
N ASN A 308 1.73 -5.69 1.91
CA ASN A 308 1.30 -5.34 0.55
C ASN A 308 2.43 -5.48 -0.47
N ASN A 309 3.51 -6.16 -0.12
CA ASN A 309 4.50 -6.61 -1.10
C ASN A 309 4.05 -7.97 -1.61
N LEU A 310 3.53 -8.00 -2.84
CA LEU A 310 2.90 -9.19 -3.40
C LEU A 310 3.60 -9.61 -4.68
N TRP A 311 3.73 -10.93 -4.89
CA TRP A 311 4.30 -11.50 -6.09
C TRP A 311 3.29 -12.49 -6.68
N ILE A 312 2.87 -12.25 -7.92
CA ILE A 312 1.75 -12.97 -8.52
C ILE A 312 2.16 -13.54 -9.87
N ARG A 313 1.72 -14.77 -10.15
CA ARG A 313 1.86 -15.36 -11.47
C ARG A 313 0.75 -14.85 -12.37
N LEU A 314 1.11 -14.06 -13.38
CA LEU A 314 0.10 -13.45 -14.24
C LEU A 314 -0.73 -14.46 -15.03
N PRO A 315 -0.16 -15.51 -15.64
CA PRO A 315 -1.03 -16.48 -16.33
C PRO A 315 -2.03 -17.17 -15.41
N VAL A 316 -1.65 -17.45 -14.16
CA VAL A 316 -2.56 -18.08 -13.23
C VAL A 316 -3.67 -17.11 -12.84
N LEU A 317 -3.33 -15.84 -12.63
CA LEU A 317 -4.35 -14.84 -12.31
C LEU A 317 -5.36 -14.71 -13.43
N LEU A 318 -4.89 -14.74 -14.68
CA LEU A 318 -5.80 -14.67 -15.83
C LEU A 318 -6.77 -15.83 -15.82
N GLU A 319 -6.25 -17.06 -15.71
CA GLU A 319 -7.11 -18.24 -15.64
C GLU A 319 -8.12 -18.13 -14.53
N THR A 320 -7.69 -17.70 -13.34
CA THR A 320 -8.59 -17.62 -12.20
C THR A 320 -9.72 -16.63 -12.45
N MET A 321 -9.38 -15.42 -12.91
CA MET A 321 -10.41 -14.43 -13.20
C MET A 321 -11.31 -14.87 -14.34
N GLN A 322 -10.77 -15.61 -15.31
CA GLN A 322 -11.61 -16.15 -16.37
C GLN A 322 -12.56 -17.22 -15.84
N GLU A 323 -12.15 -17.95 -14.81
CA GLU A 323 -13.03 -18.96 -14.21
C GLU A 323 -14.17 -18.35 -13.42
N HIS A 324 -14.06 -17.08 -13.04
CA HIS A 324 -15.08 -16.41 -12.23
C HIS A 324 -15.83 -15.33 -13.01
N GLY A 325 -16.00 -15.54 -14.31
CA GLY A 325 -16.74 -14.58 -15.12
C GLY A 325 -16.04 -13.26 -15.35
N GLY A 326 -14.71 -13.25 -15.30
CA GLY A 326 -13.96 -12.04 -15.54
C GLY A 326 -13.75 -11.15 -14.34
N THR A 327 -13.92 -11.67 -13.12
CA THR A 327 -13.74 -10.90 -11.90
C THR A 327 -12.84 -11.68 -10.95
N LEU A 328 -12.60 -11.10 -9.78
CA LEU A 328 -11.92 -11.79 -8.68
C LEU A 328 -12.69 -11.50 -7.40
N PRO A 329 -13.46 -12.46 -6.89
CA PRO A 329 -14.35 -12.17 -5.75
C PRO A 329 -13.62 -12.07 -4.43
N LEU A 330 -13.41 -10.85 -3.97
CA LEU A 330 -12.72 -10.58 -2.72
C LEU A 330 -13.72 -10.17 -1.64
N PRO A 331 -13.39 -10.39 -0.36
CA PRO A 331 -14.29 -9.93 0.71
C PRO A 331 -14.47 -8.42 0.65
N VAL A 332 -15.71 -7.98 0.78
CA VAL A 332 -16.05 -6.57 0.63
C VAL A 332 -15.99 -5.89 2.00
N ILE A 333 -15.36 -4.73 2.05
CA ILE A 333 -15.35 -3.89 3.24
C ILE A 333 -16.39 -2.80 3.06
N ARG A 334 -17.28 -2.67 4.05
CA ARG A 334 -18.43 -1.78 3.96
C ARG A 334 -18.11 -0.50 4.72
N ASN A 335 -17.43 0.42 4.04
CA ASN A 335 -17.03 1.68 4.65
C ASN A 335 -18.25 2.58 4.82
N GLU A 336 -18.50 3.00 6.06
CA GLU A 336 -19.65 3.84 6.38
C GLU A 336 -19.15 5.27 6.58
N LYS A 337 -19.53 6.15 5.65
CA LYS A 337 -19.23 7.58 5.75
C LYS A 337 -20.47 8.36 5.36
N THR A 338 -20.35 9.68 5.34
CA THR A 338 -21.33 10.54 4.69
C THR A 338 -20.78 10.92 3.31
N VAL A 339 -21.70 11.21 2.38
CA VAL A 339 -21.30 11.44 1.00
C VAL A 339 -20.29 12.57 0.91
N ASP A 340 -20.38 13.54 1.80
CA ASP A 340 -19.32 14.50 2.07
C ASP A 340 -18.89 14.23 3.51
N SER A 341 -17.74 13.57 3.67
CA SER A 341 -17.31 13.13 4.99
C SER A 341 -17.09 14.28 5.96
N SER A 342 -16.85 15.50 5.45
CA SER A 342 -16.71 16.67 6.30
C SER A 342 -18.04 17.32 6.62
N ASN A 343 -19.13 16.88 6.01
CA ASN A 343 -20.48 17.41 6.24
C ASN A 343 -21.28 16.33 6.96
N SER A 344 -21.38 16.45 8.28
CA SER A 344 -22.03 15.43 9.10
C SER A 344 -23.51 15.28 8.83
N ALA A 345 -24.13 16.20 8.10
CA ALA A 345 -25.56 16.15 7.80
C ALA A 345 -25.86 15.66 6.40
N SER A 346 -24.84 15.33 5.61
CA SER A 346 -25.04 14.79 4.28
C SER A 346 -25.47 13.33 4.35
N PRO A 347 -26.07 12.80 3.28
CA PRO A 347 -26.61 11.44 3.33
C PRO A 347 -25.55 10.40 3.71
N LYS A 348 -25.94 9.50 4.61
CA LYS A 348 -25.05 8.41 5.01
C LYS A 348 -24.96 7.37 3.90
N VAL A 349 -23.76 6.85 3.66
CA VAL A 349 -23.48 6.03 2.50
C VAL A 349 -22.57 4.86 2.86
N TYR A 350 -22.58 3.86 1.99
CA TYR A 350 -21.59 2.79 1.99
C TYR A 350 -20.62 3.00 0.84
N GLN A 351 -19.34 2.82 1.12
CA GLN A 351 -18.29 2.83 0.11
C GLN A 351 -17.69 1.42 0.08
N LEU A 352 -17.98 0.68 -0.99
CA LEU A 352 -17.55 -0.72 -1.07
C LEU A 352 -16.10 -0.79 -1.53
N GLU A 353 -15.28 -1.52 -0.77
CA GLU A 353 -13.85 -1.58 -1.01
C GLU A 353 -13.36 -3.00 -0.84
N THR A 354 -12.24 -3.31 -1.51
CA THR A 354 -11.55 -4.59 -1.37
C THR A 354 -10.06 -4.34 -1.22
N ALA A 355 -9.38 -5.32 -0.62
CA ALA A 355 -7.94 -5.25 -0.40
C ALA A 355 -7.24 -6.27 -1.28
N MET A 356 -6.14 -5.85 -1.91
CA MET A 356 -5.46 -6.72 -2.87
C MET A 356 -4.76 -7.89 -2.18
N GLY A 357 -4.44 -7.77 -0.89
CA GLY A 357 -3.86 -8.89 -0.16
C GLY A 357 -4.84 -10.01 0.12
N ALA A 358 -6.14 -9.74 0.05
CA ALA A 358 -7.15 -10.76 0.29
C ALA A 358 -7.21 -11.81 -0.82
N ALA A 359 -6.59 -11.55 -1.97
CA ALA A 359 -6.60 -12.49 -3.08
C ALA A 359 -5.77 -13.74 -2.79
N ILE A 360 -5.01 -13.76 -1.70
CA ILE A 360 -4.20 -14.93 -1.37
C ILE A 360 -5.07 -16.15 -1.15
N ALA A 361 -6.33 -15.95 -0.75
CA ALA A 361 -7.27 -17.04 -0.54
C ALA A 361 -7.84 -17.59 -1.83
N MET A 362 -7.51 -17.00 -2.98
CA MET A 362 -8.09 -17.40 -4.25
C MET A 362 -7.16 -18.26 -5.09
N PHE A 363 -5.97 -18.58 -4.60
CA PHE A 363 -4.99 -19.34 -5.36
C PHE A 363 -4.67 -20.64 -4.64
N GLU A 364 -4.55 -21.71 -5.44
CA GLU A 364 -4.24 -23.03 -4.89
C GLU A 364 -2.81 -23.09 -4.37
N SER A 365 -1.86 -22.59 -5.17
CA SER A 365 -0.45 -22.56 -4.79
C SER A 365 -0.14 -21.17 -4.26
N ALA A 366 -0.60 -20.90 -3.04
CA ALA A 366 -0.37 -19.64 -2.36
C ALA A 366 0.56 -19.84 -1.17
N SER A 367 1.28 -18.78 -0.80
CA SER A 367 2.24 -18.89 0.27
C SER A 367 2.55 -17.50 0.83
N ALA A 368 3.12 -17.50 2.03
CA ALA A 368 3.61 -16.28 2.67
C ALA A 368 5.03 -16.49 3.15
N ILE A 369 5.79 -15.41 3.22
CA ILE A 369 7.19 -15.46 3.63
C ILE A 369 7.45 -14.31 4.59
N VAL A 370 8.24 -14.58 5.62
CA VAL A 370 8.57 -13.58 6.63
C VAL A 370 9.78 -12.78 6.15
N VAL A 371 9.62 -11.47 6.07
CA VAL A 371 10.67 -10.59 5.59
C VAL A 371 11.03 -9.62 6.71
N PRO A 372 12.24 -9.09 6.69
CA PRO A 372 12.61 -8.06 7.66
C PRO A 372 11.79 -6.79 7.46
N ARG A 373 11.67 -6.02 8.55
CA ARG A 373 10.84 -4.82 8.52
C ARG A 373 11.43 -3.72 7.65
N SER A 374 12.67 -3.85 7.19
CA SER A 374 13.20 -2.88 6.24
C SER A 374 12.44 -2.90 4.93
N ARG A 375 11.85 -4.04 4.58
CA ARG A 375 11.04 -4.12 3.37
C ARG A 375 9.63 -3.54 3.57
N PHE A 376 9.27 -3.17 4.79
CA PHE A 376 8.03 -2.45 5.07
C PHE A 376 8.42 -1.16 5.78
N ALA A 377 8.76 -0.13 5.01
CA ALA A 377 9.22 1.14 5.54
C ALA A 377 8.44 2.29 4.91
N PRO A 378 7.16 2.42 5.24
CA PRO A 378 6.38 3.53 4.70
C PRO A 378 6.64 4.82 5.46
N VAL A 379 6.45 5.94 4.76
CA VAL A 379 6.55 7.26 5.35
C VAL A 379 5.14 7.72 5.66
N LYS A 380 4.73 7.62 6.92
CA LYS A 380 3.40 8.02 7.33
C LYS A 380 3.36 9.25 8.22
N THR A 381 4.51 9.72 8.70
CA THR A 381 4.58 10.95 9.48
C THR A 381 5.75 11.79 9.00
N CYS A 382 5.71 13.08 9.32
CA CYS A 382 6.85 13.94 9.07
C CYS A 382 8.05 13.54 9.92
N ALA A 383 7.82 12.84 11.03
CA ALA A 383 8.93 12.27 11.80
C ALA A 383 9.67 11.23 10.98
N ASP A 384 8.93 10.33 10.32
CA ASP A 384 9.55 9.36 9.41
C ASP A 384 10.33 10.08 8.31
N LEU A 385 9.75 11.15 7.77
CA LEU A 385 10.42 11.90 6.71
C LEU A 385 11.71 12.53 7.20
N LEU A 386 11.73 13.02 8.44
CA LEU A 386 12.91 13.68 8.98
C LEU A 386 14.10 12.73 9.05
N ALA A 387 13.87 11.51 9.55
CA ALA A 387 14.95 10.54 9.64
C ALA A 387 15.49 10.19 8.27
N LEU A 388 14.61 10.03 7.28
CA LEU A 388 15.04 9.63 5.95
C LEU A 388 15.88 10.72 5.28
N ARG A 389 15.47 11.98 5.40
CA ARG A 389 16.24 13.06 4.79
C ARG A 389 17.58 13.26 5.47
N SER A 390 17.73 12.84 6.72
CA SER A 390 18.97 13.01 7.45
C SER A 390 20.03 12.05 6.93
N ASP A 391 21.27 12.26 7.41
CA ASP A 391 22.39 11.41 7.00
C ASP A 391 22.33 10.01 7.60
N ALA A 392 21.30 9.70 8.40
CA ALA A 392 21.13 8.34 8.90
C ALA A 392 20.84 7.35 7.79
N TYR A 393 20.45 7.83 6.61
CA TYR A 393 20.17 6.99 5.45
C TYR A 393 21.09 7.37 4.31
N VAL A 394 21.56 6.35 3.57
CA VAL A 394 22.46 6.53 2.44
C VAL A 394 21.86 5.81 1.24
N VAL A 395 22.28 6.22 0.05
CA VAL A 395 21.81 5.64 -1.20
C VAL A 395 22.85 4.66 -1.72
N THR A 396 22.41 3.45 -2.05
CA THR A 396 23.30 2.45 -2.61
C THR A 396 23.57 2.75 -4.08
N ASP A 397 24.47 1.95 -4.67
CA ASP A 397 24.81 2.13 -6.08
C ASP A 397 23.70 1.66 -7.00
N ASP A 398 22.80 0.79 -6.51
CA ASP A 398 21.60 0.40 -7.24
C ASP A 398 20.37 1.17 -6.77
N PHE A 399 20.57 2.33 -6.14
CA PHE A 399 19.51 3.27 -5.80
C PHE A 399 18.53 2.68 -4.78
N ARG A 400 19.06 1.98 -3.77
CA ARG A 400 18.29 1.60 -2.60
C ARG A 400 18.64 2.51 -1.45
N LEU A 401 17.66 2.74 -0.58
CA LEU A 401 17.84 3.56 0.62
C LEU A 401 18.04 2.64 1.82
N VAL A 402 19.22 2.73 2.45
CA VAL A 402 19.55 1.92 3.61
C VAL A 402 20.15 2.82 4.68
N LEU A 403 20.19 2.30 5.90
CA LEU A 403 20.84 2.99 7.00
C LEU A 403 22.35 3.04 6.79
N ASP A 404 22.97 4.11 7.29
CA ASP A 404 24.42 4.13 7.37
C ASP A 404 24.88 3.13 8.42
N ASP A 405 26.12 2.62 8.26
CA ASP A 405 26.60 1.57 9.15
C ASP A 405 26.66 2.04 10.60
N ARG A 406 26.89 3.34 10.83
CA ARG A 406 27.01 3.85 12.19
C ARG A 406 25.73 3.70 12.99
N CYS A 407 24.58 3.64 12.32
CA CYS A 407 23.32 3.36 13.01
C CYS A 407 23.25 1.93 13.52
N HIS A 408 24.11 1.04 13.01
CA HIS A 408 24.21 -0.34 13.48
C HIS A 408 22.85 -1.05 13.43
N GLY A 409 22.13 -0.85 12.32
CA GLY A 409 20.88 -1.54 12.09
C GLY A 409 19.66 -0.91 12.72
N HIS A 410 19.82 0.05 13.62
CA HIS A 410 18.67 0.67 14.27
C HIS A 410 18.55 2.14 13.84
N PRO A 411 17.38 2.56 13.36
CA PRO A 411 17.22 3.93 12.91
C PRO A 411 16.92 4.86 14.08
N PRO A 412 17.29 6.13 13.97
CA PRO A 412 16.96 7.09 15.04
C PRO A 412 15.46 7.30 15.16
N VAL A 413 14.94 7.07 16.36
CA VAL A 413 13.54 7.35 16.63
C VAL A 413 13.30 8.85 16.63
N VAL A 414 12.18 9.27 16.05
CA VAL A 414 11.81 10.68 15.97
C VAL A 414 10.38 10.84 16.48
N ASP A 415 10.18 11.59 17.52
CA ASP A 415 8.84 11.87 17.98
C ASP A 415 8.63 13.36 17.80
N LEU A 416 7.67 13.79 17.02
CA LEU A 416 7.50 15.22 16.85
C LEU A 416 6.15 15.59 17.27
N ASP A 417 6.01 16.78 17.82
CA ASP A 417 4.79 17.35 18.34
C ASP A 417 3.63 17.56 17.38
N SER A 418 2.42 17.34 17.80
CA SER A 418 1.34 17.62 16.93
C SER A 418 1.43 19.08 16.52
N ALA A 419 1.61 19.94 17.51
CA ALA A 419 1.72 21.38 17.33
C ALA A 419 2.85 21.52 16.50
N HIS A 420 2.64 22.30 15.49
CA HIS A 420 3.56 22.55 14.41
C HIS A 420 3.68 21.41 13.39
N TYR A 421 4.03 20.20 13.78
CA TYR A 421 4.39 19.16 12.81
C TYR A 421 3.65 17.97 12.27
N LYS A 422 2.40 17.83 12.48
CA LYS A 422 1.62 16.80 11.85
C LYS A 422 1.56 16.96 10.33
N MET A 423 1.71 18.16 9.85
CA MET A 423 1.60 18.49 8.44
C MET A 423 2.93 19.00 7.89
N MET A 424 3.07 18.93 6.57
CA MET A 424 4.30 19.36 5.92
C MET A 424 4.55 20.85 6.09
N ASN A 425 3.49 21.66 6.13
CA ASN A 425 3.67 23.11 6.23
C ASN A 425 4.44 23.49 7.50
N GLY A 426 4.12 22.86 8.62
CA GLY A 426 4.88 23.11 9.84
C GLY A 426 6.27 22.50 9.77
N PHE A 427 6.38 21.29 9.22
CA PHE A 427 7.67 20.62 9.13
C PHE A 427 8.65 21.35 8.22
N GLU A 428 8.13 22.04 7.19
CA GLU A 428 9.01 22.66 6.21
C GLU A 428 9.82 23.81 6.80
N LYS A 429 9.24 24.57 7.74
CA LYS A 429 10.01 25.62 8.38
C LYS A 429 11.03 25.06 9.36
N LEU A 430 10.73 23.90 9.96
CA LEU A 430 11.64 23.29 10.93
C LEU A 430 12.99 22.96 10.30
N VAL A 431 13.02 22.66 9.00
CA VAL A 431 14.24 22.32 8.30
C VAL A 431 14.54 23.40 7.27
N GLN A 432 14.14 24.63 7.58
CA GLN A 432 14.22 25.72 6.60
C GLN A 432 15.65 25.96 6.13
N HIS A 433 16.59 26.03 7.07
CA HIS A 433 17.99 26.30 6.74
C HIS A 433 18.89 25.09 6.89
N GLY A 434 18.35 23.93 7.28
CA GLY A 434 19.16 22.74 7.40
C GLY A 434 18.46 21.58 8.08
N VAL A 435 18.95 20.37 7.85
CA VAL A 435 18.41 19.16 8.46
C VAL A 435 19.45 18.65 9.45
N PRO A 436 19.06 18.37 10.70
CA PRO A 436 20.06 17.96 11.70
C PRO A 436 20.52 16.53 11.47
N SER A 437 21.77 16.29 11.86
CA SER A 437 22.34 14.95 11.79
C SER A 437 21.70 14.05 12.85
N LEU A 438 21.12 12.94 12.40
CA LEU A 438 20.47 11.99 13.30
C LEU A 438 21.16 10.63 13.28
N VAL A 439 22.37 10.53 12.74
CA VAL A 439 23.02 9.23 12.60
C VAL A 439 23.38 8.63 13.96
N GLU A 440 23.60 9.48 14.97
CA GLU A 440 23.97 9.01 16.29
C GLU A 440 22.85 9.17 17.32
N CYS A 441 21.72 9.73 16.94
CA CYS A 441 20.63 9.96 17.89
C CYS A 441 19.84 8.67 18.09
N LYS A 442 19.68 8.27 19.36
CA LYS A 442 18.84 7.13 19.67
C LYS A 442 17.36 7.51 19.62
N ARG A 443 17.03 8.72 20.07
CA ARG A 443 15.64 9.14 20.20
C ARG A 443 15.54 10.65 20.37
N VAL A 444 14.75 11.31 19.53
CA VAL A 444 14.55 12.75 19.61
C VAL A 444 13.06 13.04 19.74
N THR A 445 12.68 13.69 20.84
CA THR A 445 11.34 14.22 21.02
C THR A 445 11.41 15.75 20.95
N VAL A 446 10.44 16.35 20.27
CA VAL A 446 10.36 17.80 20.13
C VAL A 446 8.95 18.23 20.53
N LYS A 447 8.87 19.07 21.55
CA LYS A 447 7.60 19.55 22.09
C LYS A 447 7.50 21.06 21.89
N GLY A 448 6.35 21.51 21.42
CA GLY A 448 6.18 22.91 21.07
C GLY A 448 6.79 23.25 19.74
N LEU A 449 6.76 24.55 19.43
CA LEU A 449 7.37 25.06 18.21
C LEU A 449 8.88 25.10 18.35
N VAL A 450 9.59 24.60 17.34
CA VAL A 450 11.05 24.59 17.31
C VAL A 450 11.48 24.79 15.86
N GLN A 451 12.63 25.45 15.68
CA GLN A 451 13.29 25.55 14.39
C GLN A 451 14.74 25.12 14.55
N PHE A 452 15.28 24.52 13.49
CA PHE A 452 16.67 24.06 13.46
C PHE A 452 17.56 25.07 12.74
N GLY A 453 18.82 25.09 13.15
CA GLY A 453 19.85 25.82 12.43
C GLY A 453 20.66 24.90 11.53
N ALA A 454 21.63 25.49 10.86
CA ALA A 454 22.48 24.71 9.96
C ALA A 454 23.49 23.89 10.75
N GLY A 455 23.83 22.71 10.21
CA GLY A 455 24.90 21.92 10.76
C GLY A 455 24.66 21.32 12.12
N ASN A 456 23.40 21.22 12.54
CA ASN A 456 23.10 20.67 13.86
C ASN A 456 23.35 19.17 13.89
N VAL A 457 23.65 18.66 15.08
CA VAL A 457 23.90 17.24 15.30
C VAL A 457 23.21 16.80 16.57
N LEU A 458 22.55 15.65 16.54
CA LEU A 458 21.91 15.07 17.71
C LEU A 458 22.53 13.72 18.02
N THR A 459 22.72 13.45 19.31
CA THR A 459 23.35 12.23 19.78
C THR A 459 22.63 11.73 21.02
N GLY A 460 22.52 10.41 21.14
CA GLY A 460 21.85 9.83 22.30
C GLY A 460 20.36 10.11 22.29
N THR A 461 19.81 10.32 23.49
CA THR A 461 18.40 10.63 23.67
C THR A 461 18.26 12.12 23.94
N VAL A 462 17.61 12.83 23.02
CA VAL A 462 17.47 14.28 23.09
C VAL A 462 15.99 14.62 23.17
N THR A 463 15.66 15.57 24.03
CA THR A 463 14.32 16.15 24.12
C THR A 463 14.45 17.66 23.98
N ILE A 464 13.51 18.27 23.27
CA ILE A 464 13.46 19.72 23.11
C ILE A 464 12.03 20.17 23.35
N GLU A 465 11.77 20.75 24.52
CA GLU A 465 10.44 21.18 24.89
C GLU A 465 10.35 22.70 24.95
N ASN A 466 9.18 23.22 24.58
CA ASN A 466 8.88 24.65 24.60
C ASN A 466 7.52 24.79 25.29
N THR A 467 7.50 25.26 26.52
CA THR A 467 6.24 25.29 27.23
C THR A 467 5.34 26.42 26.88
N ASP A 468 4.66 26.27 25.78
CA ASP A 468 3.69 27.21 25.27
C ASP A 468 4.20 28.59 25.14
N SER A 469 5.44 28.76 24.70
CA SER A 469 5.96 30.06 24.65
C SER A 469 5.23 30.84 23.61
N ALA A 470 4.99 30.20 22.45
CA ALA A 470 4.29 30.68 21.22
C ALA A 470 5.13 31.59 20.34
N SER A 471 6.34 31.84 20.77
CA SER A 471 7.33 32.65 20.17
C SER A 471 8.19 31.78 19.31
N ALA A 472 9.26 32.38 18.81
CA ALA A 472 10.18 31.70 17.90
C ALA A 472 10.98 30.45 18.30
N PHE A 473 11.61 30.36 19.45
CA PHE A 473 12.41 29.16 19.80
C PHE A 473 13.39 28.49 18.82
N VAL A 474 14.30 29.23 18.27
CA VAL A 474 15.27 28.70 17.36
C VAL A 474 16.41 28.04 18.07
N ILE A 475 17.18 27.27 17.32
CA ILE A 475 18.37 26.56 17.80
C ILE A 475 19.53 26.99 16.94
N PRO A 476 20.67 27.37 17.51
CA PRO A 476 21.73 28.03 16.74
C PRO A 476 22.37 27.10 15.70
N ASP A 477 23.21 27.71 14.88
CA ASP A 477 23.88 27.02 13.79
C ASP A 477 25.15 26.37 14.32
N GLY A 478 25.26 25.05 14.17
CA GLY A 478 26.41 24.30 14.58
C GLY A 478 26.28 23.60 15.92
N ALA A 479 25.19 23.84 16.65
CA ALA A 479 25.02 23.26 17.97
C ALA A 479 24.82 21.75 17.89
N LYS A 480 25.27 21.05 18.93
CA LYS A 480 25.17 19.61 19.02
C LYS A 480 24.70 19.23 20.41
N LEU A 481 23.56 18.55 20.50
CA LEU A 481 22.94 18.19 21.76
C LEU A 481 23.15 16.71 22.03
N ASN A 482 23.69 16.39 23.22
CA ASN A 482 24.07 15.03 23.58
C ASN A 482 23.39 14.66 24.90
N ASP A 483 22.45 13.70 24.83
CA ASP A 483 21.80 13.13 26.02
C ASP A 483 21.16 14.20 26.90
N THR A 484 20.74 15.31 26.30
CA THR A 484 20.25 16.45 27.05
C THR A 484 18.79 16.75 26.71
N THR A 485 18.23 17.67 27.50
CA THR A 485 16.96 18.31 27.19
C THR A 485 17.22 19.79 26.95
N ALA A 486 16.62 20.33 25.89
CA ALA A 486 16.84 21.72 25.49
C ALA A 486 15.56 22.52 25.73
N SER A 487 15.66 23.54 26.58
CA SER A 487 14.57 24.47 26.86
C SER A 487 15.02 25.87 26.45
N PRO A 488 14.10 26.85 26.35
CA PRO A 488 14.51 28.23 26.04
C PRO A 488 15.50 28.80 27.04
C1 STL B . 10.09 -8.68 11.47
C2 STL B . 9.58 -8.02 12.56
C3 STL B . 10.30 -7.02 13.15
C4 STL B . 11.55 -6.66 12.65
C5 STL B . 12.04 -7.33 11.59
C6 STL B . 11.31 -8.31 11.00
C7 STL B . 13.36 -6.93 10.91
C8 STL B . 14.45 -6.36 11.37
C9 STL B . 15.39 -6.11 10.20
C10 STL B . 15.32 -4.90 9.59
C11 STL B . 16.15 -4.64 8.52
C12 STL B . 17.02 -5.59 8.03
C13 STL B . 17.08 -6.83 8.62
C14 STL B . 16.27 -7.11 9.70
O1 STL B . 17.77 -5.29 6.98
O2 STL B . 9.75 -6.34 14.32
O3 STL B . 9.42 -9.66 10.88
C1 EDO C . -28.41 16.77 -2.13
O1 EDO C . -28.91 15.61 -2.79
C2 EDO C . -29.55 17.75 -1.84
O2 EDO C . -29.12 18.71 -0.90
C1 EDO D . -8.53 1.45 -17.15
O1 EDO D . -9.30 0.68 -16.23
C2 EDO D . -7.05 1.19 -16.96
O2 EDO D . -6.29 1.95 -17.88
C1 EDO E . 12.41 -12.62 9.35
O1 EDO E . 12.25 -11.73 10.43
C2 EDO E . 13.50 -12.07 8.45
O2 EDO E . 13.39 -12.66 7.17
C1 EDO F . 11.34 -1.47 -7.41
O1 EDO F . 10.31 -2.27 -6.90
C2 EDO F . 12.31 -2.38 -8.08
O2 EDO F . 13.29 -2.73 -7.14
C1 EDO G . -8.19 -1.15 0.42
O1 EDO G . -7.36 -0.03 0.15
C2 EDO G . -8.88 -1.02 1.77
O2 EDO G . -9.54 -2.24 2.11
C1 EDO H . 27.26 16.82 26.43
O1 EDO H . 28.24 17.70 26.91
C2 EDO H . 26.63 16.23 27.65
O2 EDO H . 27.04 17.06 28.72
C1 EDO I . 21.25 -17.13 -10.68
O1 EDO I . 21.13 -18.37 -10.04
C2 EDO I . 22.45 -17.24 -11.56
O2 EDO I . 21.98 -17.91 -12.69
C1 EDO J . -14.72 13.96 0.37
O1 EDO J . -15.73 13.20 1.02
C2 EDO J . -14.80 15.39 0.88
O2 EDO J . -13.57 15.84 1.45
#